data_1P3U
#
_entry.id   1P3U
#
_cell.length_a   63.033
_cell.length_b   63.033
_cell.length_c   101.105
_cell.angle_alpha   90.00
_cell.angle_beta   90.00
_cell.angle_gamma   90.00
#
_symmetry.space_group_name_H-M   'P 43 21 2'
#
loop_
_entity.id
_entity.type
_entity.pdbx_description
1 polymer 'Heme oxygenase 1'
2 non-polymer 'PROTOPORPHYRIN IX CONTAINING FE'
3 non-polymer 'NITRIC OXIDE'
4 water water
#
_entity_poly.entity_id   1
_entity_poly.type   'polypeptide(L)'
_entity_poly.pdbx_seq_one_letter_code
;MSETENQALTFAKRLKADTTAVHDSVDNLVMSVQPFVSKENYIKFLKLQSVFHKAVDHIYKDAELNKAIPELEYMARYDA
VTQDLKDLGEEPYKFDKELPYEAGNKAIGWLYCAEGSNLGAAFLFKHAQKLDYNGEHGARHLAPHPDGRGKHWRAFVEHL
NALNLTPEAEAEAIQGAREAFAFYKVVLRETFGLAADAEAPEGMMPHRH
;
_entity_poly.pdbx_strand_id   A
#
# COMPACT_ATOMS: atom_id res chain seq x y z
N ALA A 8 -19.78 -2.64 12.14
CA ALA A 8 -18.54 -3.26 12.69
C ALA A 8 -18.48 -3.09 14.20
N LEU A 9 -17.44 -2.39 14.67
CA LEU A 9 -17.26 -2.15 16.11
C LEU A 9 -16.29 -1.02 16.41
N THR A 10 -15.18 -0.98 15.69
CA THR A 10 -14.17 0.06 15.87
C THR A 10 -13.90 0.76 14.54
N PHE A 11 -13.15 1.86 14.60
CA PHE A 11 -12.82 2.62 13.41
C PHE A 11 -12.06 1.74 12.41
N ALA A 12 -11.03 1.06 12.88
CA ALA A 12 -10.23 0.19 12.03
C ALA A 12 -11.06 -0.92 11.38
N LYS A 13 -12.01 -1.47 12.12
CA LYS A 13 -12.85 -2.54 11.60
C LYS A 13 -13.86 -2.03 10.57
N ARG A 14 -14.28 -0.78 10.73
CA ARG A 14 -15.23 -0.21 9.78
C ARG A 14 -14.47 0.11 8.49
N LEU A 15 -13.21 0.50 8.64
CA LEU A 15 -12.36 0.80 7.47
C LEU A 15 -12.23 -0.48 6.67
N LYS A 16 -11.88 -1.57 7.35
CA LYS A 16 -11.72 -2.86 6.72
C LYS A 16 -13.02 -3.32 6.06
N ALA A 17 -14.11 -3.32 6.83
CA ALA A 17 -15.39 -3.75 6.29
C ALA A 17 -15.78 -3.02 5.03
N ASP A 18 -15.65 -1.70 5.04
CA ASP A 18 -16.03 -0.87 3.90
C ASP A 18 -15.09 -0.92 2.71
N THR A 19 -13.90 -1.48 2.87
CA THR A 19 -12.95 -1.55 1.76
C THR A 19 -12.49 -2.95 1.37
N THR A 20 -13.06 -3.99 1.98
CA THR A 20 -12.63 -5.34 1.63
C THR A 20 -12.91 -5.72 0.18
N ALA A 21 -14.06 -5.32 -0.35
CA ALA A 21 -14.39 -5.63 -1.74
C ALA A 21 -13.35 -5.01 -2.68
N VAL A 22 -13.04 -3.73 -2.48
CA VAL A 22 -12.07 -3.10 -3.38
C VAL A 22 -10.68 -3.65 -3.16
N HIS A 23 -10.35 -4.01 -1.92
CA HIS A 23 -9.05 -4.59 -1.64
C HIS A 23 -8.90 -5.88 -2.42
N ASP A 24 -9.93 -6.72 -2.36
CA ASP A 24 -9.86 -7.98 -3.09
C ASP A 24 -9.75 -7.74 -4.60
N SER A 25 -10.34 -6.65 -5.08
CA SER A 25 -10.26 -6.35 -6.51
C SER A 25 -8.81 -5.99 -6.85
N VAL A 26 -8.12 -5.36 -5.91
CA VAL A 26 -6.72 -5.00 -6.11
C VAL A 26 -5.87 -6.28 -6.11
N ASP A 27 -6.11 -7.13 -5.13
CA ASP A 27 -5.42 -8.42 -5.00
C ASP A 27 -5.54 -9.14 -6.34
N ASN A 28 -6.78 -9.30 -6.81
CA ASN A 28 -7.02 -10.00 -8.07
C ASN A 28 -6.34 -9.34 -9.27
N LEU A 29 -6.38 -8.01 -9.34
CA LEU A 29 -5.77 -7.32 -10.47
C LEU A 29 -4.25 -7.48 -10.44
N VAL A 30 -3.65 -7.32 -9.27
CA VAL A 30 -2.20 -7.48 -9.14
C VAL A 30 -1.79 -8.88 -9.61
N MET A 31 -2.46 -9.90 -9.11
CA MET A 31 -2.10 -11.25 -9.50
C MET A 31 -2.37 -11.49 -10.99
N SER A 32 -3.43 -10.88 -11.52
CA SER A 32 -3.76 -11.07 -12.93
C SER A 32 -2.67 -10.59 -13.90
N VAL A 33 -1.92 -9.55 -13.52
CA VAL A 33 -0.87 -9.04 -14.40
C VAL A 33 0.47 -9.75 -14.23
N GLN A 34 0.46 -10.84 -13.49
CA GLN A 34 1.66 -11.66 -13.30
C GLN A 34 2.93 -10.90 -12.89
N PRO A 35 2.95 -10.35 -11.67
CA PRO A 35 4.13 -9.60 -11.21
C PRO A 35 5.39 -10.44 -11.02
N PHE A 36 5.24 -11.75 -10.90
CA PHE A 36 6.41 -12.62 -10.68
C PHE A 36 6.79 -13.52 -11.85
N VAL A 37 6.20 -13.28 -13.02
CA VAL A 37 6.49 -14.12 -14.19
C VAL A 37 7.87 -13.86 -14.81
N SER A 38 8.42 -12.68 -14.56
CA SER A 38 9.71 -12.33 -15.13
C SER A 38 10.29 -11.12 -14.41
N LYS A 39 11.59 -10.93 -14.58
CA LYS A 39 12.26 -9.79 -13.95
C LYS A 39 11.61 -8.51 -14.47
N GLU A 40 11.30 -8.49 -15.76
CA GLU A 40 10.69 -7.31 -16.37
C GLU A 40 9.35 -6.98 -15.72
N ASN A 41 8.55 -8.00 -15.44
CA ASN A 41 7.25 -7.77 -14.82
C ASN A 41 7.40 -7.42 -13.35
N TYR A 42 8.40 -7.99 -12.67
CA TYR A 42 8.60 -7.69 -11.25
C TYR A 42 9.02 -6.23 -11.15
N ILE A 43 9.75 -5.76 -12.16
CA ILE A 43 10.20 -4.37 -12.18
C ILE A 43 9.00 -3.46 -12.38
N LYS A 44 8.04 -3.91 -13.20
CA LYS A 44 6.85 -3.11 -13.41
C LYS A 44 6.09 -3.04 -12.08
N PHE A 45 6.11 -4.16 -11.34
CA PHE A 45 5.44 -4.18 -10.05
C PHE A 45 6.14 -3.20 -9.10
N LEU A 46 7.47 -3.20 -9.10
CA LEU A 46 8.21 -2.28 -8.22
C LEU A 46 7.94 -0.82 -8.56
N LYS A 47 7.76 -0.52 -9.84
CA LYS A 47 7.48 0.85 -10.23
C LYS A 47 6.12 1.27 -9.69
N LEU A 48 5.17 0.34 -9.79
CA LEU A 48 3.84 0.60 -9.26
C LEU A 48 3.94 0.90 -7.76
N GLN A 49 4.64 0.03 -7.04
CA GLN A 49 4.80 0.19 -5.61
C GLN A 49 5.49 1.51 -5.30
N SER A 50 6.48 1.86 -6.11
CA SER A 50 7.22 3.10 -5.92
C SER A 50 6.31 4.32 -5.98
N VAL A 51 5.40 4.33 -6.94
CA VAL A 51 4.48 5.45 -7.08
C VAL A 51 3.55 5.56 -5.88
N PHE A 52 2.93 4.44 -5.50
CA PHE A 52 2.02 4.48 -4.37
C PHE A 52 2.71 4.90 -3.10
N HIS A 53 3.89 4.33 -2.83
CA HIS A 53 4.57 4.70 -1.60
C HIS A 53 5.10 6.12 -1.61
N LYS A 54 5.43 6.64 -2.78
CA LYS A 54 5.87 8.03 -2.85
C LYS A 54 4.66 8.89 -2.49
N ALA A 55 3.49 8.49 -2.98
CA ALA A 55 2.24 9.22 -2.76
C ALA A 55 1.79 9.35 -1.31
N VAL A 56 2.22 8.43 -0.45
CA VAL A 56 1.83 8.51 0.96
C VAL A 56 3.00 8.95 1.85
N ASP A 57 4.15 9.19 1.22
CA ASP A 57 5.34 9.57 1.98
C ASP A 57 5.13 10.78 2.89
N HIS A 58 4.45 11.81 2.37
CA HIS A 58 4.21 13.03 3.15
C HIS A 58 3.23 12.80 4.31
N ILE A 59 2.43 11.75 4.21
CA ILE A 59 1.47 11.41 5.26
C ILE A 59 2.19 10.74 6.42
N TYR A 60 3.10 9.82 6.10
CA TYR A 60 3.86 9.14 7.14
C TYR A 60 4.74 10.14 7.91
N LYS A 61 5.16 11.20 7.23
CA LYS A 61 6.02 12.22 7.84
C LYS A 61 5.23 13.42 8.39
N ASP A 62 3.91 13.36 8.30
CA ASP A 62 3.06 14.45 8.77
C ASP A 62 3.27 14.78 10.25
N ALA A 63 3.63 16.02 10.53
CA ALA A 63 3.86 16.46 11.90
C ALA A 63 2.67 16.15 12.82
N GLU A 64 1.48 16.56 12.42
CA GLU A 64 0.27 16.32 13.21
C GLU A 64 0.06 14.84 13.51
N LEU A 65 0.14 13.99 12.49
CA LEU A 65 -0.05 12.57 12.68
C LEU A 65 1.04 11.92 13.53
N ASN A 66 2.25 12.44 13.46
CA ASN A 66 3.34 11.88 14.25
C ASN A 66 3.20 12.22 15.73
N LYS A 67 2.32 13.17 16.02
CA LYS A 67 2.07 13.58 17.41
C LYS A 67 1.05 12.62 18.04
N ALA A 68 0.20 12.05 17.20
CA ALA A 68 -0.83 11.12 17.65
C ALA A 68 -0.37 9.67 17.50
N ILE A 69 0.53 9.45 16.55
CA ILE A 69 1.07 8.12 16.28
C ILE A 69 2.60 8.20 16.35
N PRO A 70 3.17 7.93 17.52
CA PRO A 70 4.62 7.98 17.72
C PRO A 70 5.44 7.07 16.80
N GLU A 71 6.46 7.65 16.17
CA GLU A 71 7.35 6.91 15.26
C GLU A 71 6.70 6.57 13.91
N LEU A 72 5.60 7.24 13.57
CA LEU A 72 4.94 6.96 12.30
C LEU A 72 5.86 7.23 11.11
N GLU A 73 6.70 8.26 11.25
CA GLU A 73 7.62 8.64 10.19
C GLU A 73 8.60 7.53 9.80
N TYR A 74 8.86 6.61 10.72
CA TYR A 74 9.80 5.53 10.47
C TYR A 74 9.16 4.31 9.80
N MET A 75 7.85 4.32 9.67
CA MET A 75 7.14 3.20 9.07
C MET A 75 7.14 3.26 7.54
N ALA A 76 7.49 4.43 6.99
CA ALA A 76 7.50 4.61 5.53
C ALA A 76 8.36 3.55 4.84
N ARG A 77 7.85 3.04 3.71
CA ARG A 77 8.55 2.01 2.95
C ARG A 77 9.00 2.48 1.57
N TYR A 78 8.81 3.76 1.28
CA TYR A 78 9.22 4.30 0.00
C TYR A 78 10.72 4.08 -0.25
N ASP A 79 11.54 4.31 0.78
CA ASP A 79 12.98 4.10 0.64
C ASP A 79 13.29 2.65 0.29
N ALA A 80 12.61 1.72 0.96
CA ALA A 80 12.81 0.30 0.73
C ALA A 80 12.50 -0.08 -0.72
N VAL A 81 11.38 0.41 -1.24
CA VAL A 81 11.00 0.11 -2.62
C VAL A 81 12.04 0.66 -3.59
N THR A 82 12.53 1.85 -3.30
CA THR A 82 13.52 2.48 -4.17
C THR A 82 14.81 1.67 -4.17
N GLN A 83 15.14 1.08 -3.03
CA GLN A 83 16.36 0.27 -2.93
C GLN A 83 16.13 -1.03 -3.69
N ASP A 84 14.92 -1.57 -3.64
CA ASP A 84 14.63 -2.80 -4.36
C ASP A 84 14.80 -2.53 -5.85
N LEU A 85 14.42 -1.33 -6.28
CA LEU A 85 14.58 -0.97 -7.69
C LEU A 85 16.07 -0.93 -8.00
N LYS A 86 16.85 -0.38 -7.06
CA LYS A 86 18.29 -0.30 -7.24
C LYS A 86 18.88 -1.70 -7.37
N ASP A 87 18.44 -2.61 -6.51
CA ASP A 87 18.91 -4.00 -6.55
C ASP A 87 18.69 -4.63 -7.93
N LEU A 88 17.57 -4.29 -8.56
CA LEU A 88 17.22 -4.82 -9.88
C LEU A 88 17.88 -4.05 -11.03
N GLY A 89 18.75 -3.11 -10.70
CA GLY A 89 19.44 -2.33 -11.72
C GLY A 89 18.63 -1.17 -12.27
N GLU A 90 17.62 -0.74 -11.52
CA GLU A 90 16.76 0.37 -11.95
C GLU A 90 17.00 1.64 -11.13
N GLU A 91 16.89 2.79 -11.80
CA GLU A 91 17.05 4.08 -11.14
C GLU A 91 15.71 4.38 -10.48
N PRO A 92 15.66 5.41 -9.60
CA PRO A 92 14.39 5.71 -8.95
C PRO A 92 13.30 5.99 -9.99
N TYR A 93 12.11 5.48 -9.75
CA TYR A 93 11.02 5.67 -10.69
C TYR A 93 10.16 6.88 -10.33
N LYS A 94 9.79 7.66 -11.34
CA LYS A 94 8.97 8.84 -11.13
C LYS A 94 7.70 8.75 -11.97
N PHE A 95 6.55 8.91 -11.32
CA PHE A 95 5.26 8.86 -12.01
C PHE A 95 5.17 9.92 -13.10
N ASP A 96 4.53 9.56 -14.21
CA ASP A 96 4.38 10.47 -15.34
C ASP A 96 3.45 11.63 -14.99
N LYS A 97 2.30 11.30 -14.41
CA LYS A 97 1.30 12.29 -14.03
C LYS A 97 1.62 12.90 -12.66
N GLU A 98 0.81 13.85 -12.25
CA GLU A 98 0.98 14.48 -10.95
C GLU A 98 0.48 13.52 -9.88
N LEU A 99 1.18 13.47 -8.75
CA LEU A 99 0.80 12.57 -7.67
C LEU A 99 -0.16 13.14 -6.66
N PRO A 100 -1.08 12.30 -6.16
CA PRO A 100 -2.04 12.74 -5.16
C PRO A 100 -1.23 13.18 -3.94
N TYR A 101 -1.72 14.20 -3.25
CA TYR A 101 -1.03 14.71 -2.07
C TYR A 101 -2.15 14.99 -1.07
N GLU A 102 -2.79 13.93 -0.60
CA GLU A 102 -3.91 14.05 0.32
C GLU A 102 -3.57 14.57 1.72
N ALA A 103 -4.58 15.15 2.36
CA ALA A 103 -4.43 15.71 3.70
C ALA A 103 -5.70 15.49 4.51
N GLY A 104 -5.67 15.93 5.76
CA GLY A 104 -6.83 15.81 6.63
C GLY A 104 -7.33 14.41 6.90
N ASN A 105 -8.65 14.27 7.01
CA ASN A 105 -9.24 12.97 7.29
C ASN A 105 -9.05 11.99 6.15
N LYS A 106 -9.11 12.48 4.92
CA LYS A 106 -8.94 11.59 3.79
C LYS A 106 -7.54 10.98 3.79
N ALA A 107 -6.56 11.76 4.23
CA ALA A 107 -5.18 11.28 4.29
C ALA A 107 -5.07 10.13 5.28
N ILE A 108 -5.95 10.11 6.28
CA ILE A 108 -5.90 9.03 7.26
C ILE A 108 -6.31 7.73 6.56
N GLY A 109 -7.21 7.85 5.58
CA GLY A 109 -7.66 6.68 4.83
C GLY A 109 -6.52 6.11 3.99
N TRP A 110 -5.71 7.01 3.42
CA TRP A 110 -4.56 6.58 2.61
C TRP A 110 -3.54 5.91 3.50
N LEU A 111 -3.38 6.42 4.72
CA LEU A 111 -2.42 5.84 5.64
C LEU A 111 -2.85 4.42 6.00
N TYR A 112 -4.15 4.23 6.21
CA TYR A 112 -4.69 2.91 6.53
C TYR A 112 -4.39 1.95 5.38
N CYS A 113 -4.62 2.43 4.17
CA CYS A 113 -4.40 1.63 2.97
C CYS A 113 -2.93 1.19 2.87
N ALA A 114 -2.01 2.14 2.98
CA ALA A 114 -0.58 1.84 2.89
C ALA A 114 -0.04 0.94 4.00
N GLU A 115 -0.44 1.20 5.24
CA GLU A 115 0.05 0.42 6.36
C GLU A 115 -0.57 -0.97 6.37
N GLY A 116 -1.84 -1.06 5.99
CA GLY A 116 -2.48 -2.36 5.95
C GLY A 116 -1.78 -3.22 4.91
N SER A 117 -1.34 -2.61 3.82
CA SER A 117 -0.66 -3.37 2.76
C SER A 117 0.61 -3.99 3.31
N ASN A 118 1.16 -3.39 4.37
CA ASN A 118 2.38 -3.91 4.99
C ASN A 118 2.02 -5.17 5.77
N LEU A 119 0.87 -5.16 6.41
CA LEU A 119 0.40 -6.31 7.16
C LEU A 119 0.15 -7.50 6.23
N GLY A 120 -0.55 -7.23 5.12
CA GLY A 120 -0.87 -8.30 4.18
C GLY A 120 0.17 -8.65 3.13
N ALA A 121 1.34 -8.04 3.21
CA ALA A 121 2.40 -8.28 2.24
C ALA A 121 3.05 -9.66 2.33
N ALA A 122 2.62 -10.48 3.30
CA ALA A 122 3.19 -11.81 3.49
C ALA A 122 3.11 -12.66 2.21
N PHE A 123 1.96 -12.63 1.55
CA PHE A 123 1.76 -13.42 0.33
C PHE A 123 2.73 -12.99 -0.76
N LEU A 124 2.78 -11.69 -1.05
CA LEU A 124 3.70 -11.19 -2.07
C LEU A 124 5.14 -11.52 -1.74
N PHE A 125 5.51 -11.41 -0.47
CA PHE A 125 6.87 -11.69 -0.03
C PHE A 125 7.23 -13.16 -0.30
N LYS A 126 6.28 -14.05 -0.06
CA LYS A 126 6.51 -15.47 -0.29
C LYS A 126 6.83 -15.72 -1.76
N HIS A 127 6.06 -15.11 -2.65
CA HIS A 127 6.28 -15.32 -4.08
C HIS A 127 7.49 -14.59 -4.64
N ALA A 128 7.88 -13.49 -3.98
CA ALA A 128 9.04 -12.74 -4.42
C ALA A 128 10.22 -13.66 -4.11
N GLN A 129 10.14 -14.33 -2.96
CA GLN A 129 11.18 -15.26 -2.52
C GLN A 129 11.43 -16.35 -3.55
N LYS A 130 10.40 -16.74 -4.30
CA LYS A 130 10.55 -17.78 -5.31
C LYS A 130 11.53 -17.33 -6.40
N LEU A 131 11.68 -16.02 -6.55
CA LEU A 131 12.58 -15.45 -7.55
C LEU A 131 13.92 -15.11 -6.89
N ASP A 132 14.13 -15.62 -5.68
CA ASP A 132 15.36 -15.37 -4.93
C ASP A 132 15.46 -13.92 -4.45
N TYR A 133 14.33 -13.22 -4.46
CA TYR A 133 14.30 -11.84 -3.98
C TYR A 133 13.82 -11.91 -2.53
N ASN A 134 14.61 -11.36 -1.61
CA ASN A 134 14.28 -11.40 -0.20
C ASN A 134 14.37 -10.02 0.46
N GLY A 135 14.32 -10.01 1.78
CA GLY A 135 14.38 -8.78 2.53
C GLY A 135 15.71 -8.04 2.45
N GLU A 136 16.70 -8.67 1.82
CA GLU A 136 18.01 -8.04 1.69
C GLU A 136 18.31 -7.72 0.23
N HIS A 137 17.44 -8.17 -0.67
CA HIS A 137 17.64 -7.93 -2.09
C HIS A 137 16.35 -8.11 -2.89
N GLY A 138 15.91 -7.03 -3.55
CA GLY A 138 14.71 -7.10 -4.36
C GLY A 138 13.35 -7.04 -3.70
N ALA A 139 13.24 -7.53 -2.47
CA ALA A 139 11.95 -7.51 -1.77
C ALA A 139 12.05 -6.95 -0.35
N ARG A 140 12.86 -5.92 -0.20
CA ARG A 140 13.04 -5.27 1.09
C ARG A 140 11.75 -4.63 1.56
N HIS A 141 10.98 -4.07 0.63
CA HIS A 141 9.73 -3.40 1.00
C HIS A 141 8.60 -4.35 1.36
N LEU A 142 8.81 -5.64 1.13
CA LEU A 142 7.79 -6.65 1.43
C LEU A 142 8.12 -7.48 2.67
N ALA A 143 9.34 -7.32 3.18
CA ALA A 143 9.76 -8.07 4.37
C ALA A 143 8.92 -7.70 5.59
N PRO A 144 8.71 -8.65 6.51
CA PRO A 144 7.91 -8.39 7.72
C PRO A 144 8.59 -7.41 8.66
N HIS A 145 7.78 -6.63 9.37
CA HIS A 145 8.32 -5.65 10.31
C HIS A 145 9.06 -6.48 11.37
N PRO A 146 10.21 -6.00 11.85
CA PRO A 146 11.00 -6.70 12.85
C PRO A 146 10.20 -7.23 14.05
N ASP A 147 9.17 -6.48 14.44
CA ASP A 147 8.33 -6.87 15.57
C ASP A 147 7.29 -7.91 15.17
N GLY A 148 7.27 -8.25 13.89
CA GLY A 148 6.29 -9.20 13.39
C GLY A 148 5.18 -8.40 12.74
N ARG A 149 4.61 -8.92 11.65
CA ARG A 149 3.54 -8.22 10.95
C ARG A 149 2.34 -7.95 11.84
N GLY A 150 1.87 -8.99 12.52
CA GLY A 150 0.72 -8.84 13.39
C GLY A 150 0.92 -7.91 14.57
N LYS A 151 2.02 -8.11 15.30
CA LYS A 151 2.32 -7.27 16.46
C LYS A 151 2.46 -5.81 16.06
N HIS A 152 3.14 -5.57 14.95
CA HIS A 152 3.35 -4.20 14.47
C HIS A 152 2.03 -3.55 14.08
N TRP A 153 1.18 -4.33 13.41
CA TRP A 153 -0.12 -3.85 12.95
C TRP A 153 -1.10 -3.56 14.10
N ARG A 154 -1.18 -4.48 15.06
CA ARG A 154 -2.08 -4.28 16.19
C ARG A 154 -1.75 -2.99 16.94
N ALA A 155 -0.46 -2.68 17.05
CA ALA A 155 -0.05 -1.47 17.74
C ALA A 155 -0.48 -0.26 16.93
N PHE A 156 -0.39 -0.40 15.61
CA PHE A 156 -0.77 0.68 14.72
C PHE A 156 -2.28 0.91 14.79
N VAL A 157 -3.04 -0.17 14.82
CA VAL A 157 -4.49 -0.09 14.89
C VAL A 157 -4.97 0.61 16.15
N GLU A 158 -4.27 0.38 17.26
CA GLU A 158 -4.63 1.03 18.52
C GLU A 158 -4.56 2.54 18.32
N HIS A 159 -3.45 3.00 17.75
CA HIS A 159 -3.25 4.43 17.48
C HIS A 159 -4.33 5.00 16.55
N LEU A 160 -4.66 4.25 15.50
CA LEU A 160 -5.67 4.70 14.55
C LEU A 160 -7.00 4.91 15.26
N ASN A 161 -7.39 3.94 16.07
CA ASN A 161 -8.64 4.01 16.82
C ASN A 161 -8.57 5.12 17.87
N ALA A 162 -7.36 5.37 18.39
CA ALA A 162 -7.16 6.40 19.41
C ALA A 162 -7.20 7.82 18.87
N LEU A 163 -7.34 7.96 17.55
CA LEU A 163 -7.43 9.28 16.96
C LEU A 163 -8.80 9.82 17.35
N ASN A 164 -9.67 8.89 17.73
CA ASN A 164 -11.02 9.21 18.15
C ASN A 164 -11.74 10.13 17.16
N LEU A 165 -11.66 9.78 15.88
CA LEU A 165 -12.32 10.58 14.85
C LEU A 165 -13.82 10.42 15.01
N THR A 166 -14.56 11.52 14.79
CA THR A 166 -16.00 11.48 14.91
C THR A 166 -16.54 10.64 13.75
N PRO A 167 -17.81 10.20 13.84
CA PRO A 167 -18.39 9.39 12.77
C PRO A 167 -18.29 10.13 11.43
N GLU A 168 -18.43 11.45 11.49
CA GLU A 168 -18.37 12.28 10.30
C GLU A 168 -16.96 12.25 9.69
N ALA A 169 -15.96 12.31 10.57
CA ALA A 169 -14.56 12.29 10.12
C ALA A 169 -14.22 10.92 9.55
N GLU A 170 -14.75 9.87 10.18
CA GLU A 170 -14.51 8.51 9.72
C GLU A 170 -14.98 8.35 8.27
N ALA A 171 -16.15 8.89 7.97
CA ALA A 171 -16.71 8.81 6.63
C ALA A 171 -15.73 9.34 5.60
N GLU A 172 -15.10 10.48 5.91
CA GLU A 172 -14.13 11.07 4.99
C GLU A 172 -12.89 10.20 4.89
N ALA A 173 -12.42 9.68 6.03
CA ALA A 173 -11.23 8.82 6.04
C ALA A 173 -11.49 7.56 5.22
N ILE A 174 -12.65 6.96 5.41
CA ILE A 174 -13.01 5.76 4.68
C ILE A 174 -13.05 6.07 3.18
N GLN A 175 -13.60 7.23 2.83
CA GLN A 175 -13.65 7.62 1.43
C GLN A 175 -12.22 7.79 0.94
N GLY A 176 -11.34 8.24 1.84
CA GLY A 176 -9.94 8.41 1.50
C GLY A 176 -9.32 7.06 1.19
N ALA A 177 -9.62 6.07 2.03
CA ALA A 177 -9.09 4.72 1.82
C ALA A 177 -9.58 4.18 0.49
N ARG A 178 -10.85 4.43 0.16
CA ARG A 178 -11.40 3.96 -1.11
C ARG A 178 -10.68 4.61 -2.28
N GLU A 179 -10.35 5.89 -2.13
CA GLU A 179 -9.66 6.61 -3.20
C GLU A 179 -8.21 6.16 -3.32
N ALA A 180 -7.61 5.72 -2.22
CA ALA A 180 -6.23 5.25 -2.22
C ALA A 180 -6.16 3.95 -3.04
N PHE A 181 -7.09 3.03 -2.77
CA PHE A 181 -7.13 1.77 -3.51
C PHE A 181 -7.41 2.06 -4.98
N ALA A 182 -8.30 3.02 -5.23
CA ALA A 182 -8.65 3.38 -6.60
C ALA A 182 -7.42 3.89 -7.32
N PHE A 183 -6.65 4.76 -6.67
CA PHE A 183 -5.44 5.29 -7.28
C PHE A 183 -4.46 4.16 -7.58
N TYR A 184 -4.34 3.21 -6.66
CA TYR A 184 -3.43 2.10 -6.86
C TYR A 184 -3.74 1.40 -8.18
N LYS A 185 -5.01 1.11 -8.42
CA LYS A 185 -5.38 0.43 -9.68
C LYS A 185 -5.14 1.32 -10.89
N VAL A 186 -5.32 2.63 -10.75
CA VAL A 186 -5.07 3.53 -11.87
C VAL A 186 -3.59 3.42 -12.28
N VAL A 187 -2.70 3.49 -11.28
CA VAL A 187 -1.25 3.38 -11.53
C VAL A 187 -0.87 2.00 -12.08
N LEU A 188 -1.49 0.96 -11.52
CA LEU A 188 -1.21 -0.40 -11.98
C LEU A 188 -1.53 -0.53 -13.47
N ARG A 189 -2.70 -0.06 -13.87
CA ARG A 189 -3.13 -0.14 -15.26
C ARG A 189 -2.17 0.59 -16.20
N GLU A 190 -1.70 1.77 -15.79
CA GLU A 190 -0.79 2.52 -16.62
C GLU A 190 0.56 1.81 -16.72
N THR A 191 1.02 1.31 -15.59
CA THR A 191 2.31 0.63 -15.53
C THR A 191 2.35 -0.70 -16.29
N PHE A 192 1.23 -1.41 -16.30
CA PHE A 192 1.18 -2.70 -17.00
C PHE A 192 0.50 -2.61 -18.36
N GLY A 193 0.26 -1.39 -18.82
CA GLY A 193 -0.35 -1.18 -20.12
C GLY A 193 -1.77 -1.66 -20.33
N LEU A 194 -2.62 -1.51 -19.31
CA LEU A 194 -4.01 -1.92 -19.39
C LEU A 194 -4.90 -0.72 -19.66
N ALA A 195 -6.11 -1.00 -20.14
CA ALA A 195 -7.08 0.04 -20.41
C ALA A 195 -7.53 0.63 -19.08
N ALA A 196 -8.07 1.84 -19.12
CA ALA A 196 -8.56 2.48 -17.90
C ALA A 196 -9.70 1.61 -17.39
N ASP A 197 -9.80 1.48 -16.09
CA ASP A 197 -10.86 0.67 -15.49
C ASP A 197 -10.80 -0.84 -15.79
N ALA A 198 -9.66 -1.31 -16.28
CA ALA A 198 -9.52 -2.74 -16.52
C ALA A 198 -9.52 -3.40 -15.14
N GLU A 199 -10.05 -4.61 -15.06
CA GLU A 199 -10.10 -5.36 -13.81
C GLU A 199 -9.71 -6.79 -14.08
N ALA A 200 -9.55 -7.55 -13.00
CA ALA A 200 -9.21 -8.96 -13.11
C ALA A 200 -10.40 -9.67 -13.73
N PRO A 201 -10.19 -10.88 -14.29
CA PRO A 201 -11.30 -11.64 -14.91
C PRO A 201 -12.43 -11.71 -13.90
N GLU A 202 -13.65 -11.39 -14.32
CA GLU A 202 -14.76 -11.42 -13.37
C GLU A 202 -15.00 -12.80 -12.79
N GLY A 203 -15.24 -12.82 -11.48
CA GLY A 203 -15.51 -14.07 -10.81
C GLY A 203 -14.29 -14.59 -10.06
N MET A 204 -13.13 -14.06 -10.42
CA MET A 204 -11.88 -14.48 -9.78
C MET A 204 -11.93 -14.23 -8.28
N MET A 205 -11.41 -15.18 -7.52
CA MET A 205 -11.38 -15.10 -6.06
C MET A 205 -9.94 -14.91 -5.59
N PRO A 206 -9.75 -14.09 -4.53
CA PRO A 206 -8.44 -13.79 -3.95
C PRO A 206 -7.72 -15.06 -3.47
#